data_6G0W
#
_entry.id   6G0W
#
_cell.length_a   83.314
_cell.length_b   83.314
_cell.length_c   255.495
_cell.angle_alpha   90.00
_cell.angle_beta   90.00
_cell.angle_gamma   120.00
#
_symmetry.space_group_name_H-M   'P 61 2 2'
#
loop_
_entity.id
_entity.type
_entity.pdbx_description
1 polymer 'Poly [ADP-ribose] polymerase 14'
2 non-polymer 4-[3-[4-(4-fluorophenyl)piperidin-1-yl]carbonylphenoxy]benzamide
3 water water
#
_entity_poly.entity_id   1
_entity_poly.type   'polypeptide(L)'
_entity_poly.pdbx_seq_one_letter_code
;SMDMKQQNFCVVELLPSDPEYNTVASKFNQTCSHFRIEKIERIQNPDLWNSYQAKKKTMDAKNGQTMNEKQLFHGTDAGS
VPHVNRNGFNRSYAGKNAVAYGKGTYFAVNANYSANDTYSRPDANGRKHVYYVRVLTGIYTHGNHSLIVPPSKNPQNPTD
LYDTVTDNVHHPSLFVAFYDYQAYPEYLITFRK
;
_entity_poly.pdbx_strand_id   A,B
#
# COMPACT_ATOMS: atom_id res chain seq x y z
N LYS A 5 9.74 -16.23 5.87
CA LYS A 5 10.45 -15.30 5.06
C LYS A 5 9.83 -13.96 5.13
N GLN A 6 10.61 -12.94 4.93
CA GLN A 6 10.16 -11.61 5.16
C GLN A 6 9.20 -11.19 4.10
N GLN A 7 9.41 -11.56 2.88
CA GLN A 7 8.53 -11.28 1.83
C GLN A 7 8.39 -9.83 1.67
N ASN A 8 9.47 -9.16 1.50
CA ASN A 8 9.48 -7.74 1.12
C ASN A 8 9.16 -7.58 -0.36
N PHE A 9 8.84 -6.35 -0.76
CA PHE A 9 8.37 -6.13 -2.12
C PHE A 9 8.71 -4.73 -2.56
N CYS A 10 8.76 -4.57 -3.87
CA CYS A 10 8.95 -3.29 -4.54
C CYS A 10 7.78 -3.08 -5.48
N VAL A 11 7.46 -1.82 -5.75
CA VAL A 11 6.29 -1.45 -6.54
C VAL A 11 6.79 -0.60 -7.70
N VAL A 12 6.70 -1.15 -8.91
CA VAL A 12 7.27 -0.56 -10.12
C VAL A 12 6.14 -0.10 -11.01
N GLU A 13 6.05 1.20 -11.23
CA GLU A 13 4.97 1.72 -12.05
C GLU A 13 5.32 1.56 -13.52
N LEU A 14 4.41 1.00 -14.30
CA LEU A 14 4.66 0.79 -15.71
C LEU A 14 4.37 2.07 -16.47
N LEU A 15 5.19 2.35 -17.48
CA LEU A 15 4.96 3.50 -18.34
C LEU A 15 3.87 3.18 -19.37
N PRO A 16 3.05 4.18 -19.74
CA PRO A 16 2.02 3.93 -20.76
C PRO A 16 2.53 3.38 -22.09
N SER A 17 3.83 3.51 -22.37
CA SER A 17 4.46 2.96 -23.58
C SER A 17 4.95 1.52 -23.43
N ASP A 18 5.04 1.02 -22.20
CA ASP A 18 5.53 -0.33 -21.94
C ASP A 18 4.69 -1.36 -22.70
N PRO A 19 5.30 -2.45 -23.18
CA PRO A 19 4.50 -3.56 -23.69
C PRO A 19 3.61 -4.18 -22.63
N GLU A 20 4.09 -4.21 -21.38
CA GLU A 20 3.28 -4.76 -20.30
C GLU A 20 2.08 -3.88 -20.01
N TYR A 21 2.26 -2.56 -20.04
CA TYR A 21 1.15 -1.67 -19.72
C TYR A 21 -0.05 -1.90 -20.63
N ASN A 22 0.15 -1.81 -21.93
CA ASN A 22 -1.01 -1.91 -22.79
C ASN A 22 -1.51 -3.35 -22.87
N THR A 23 -0.65 -4.34 -22.68
CA THR A 23 -1.17 -5.70 -22.50
C THR A 23 -2.16 -5.76 -21.33
N VAL A 24 -1.81 -5.14 -20.20
CA VAL A 24 -2.68 -5.23 -19.03
C VAL A 24 -3.89 -4.31 -19.19
N ALA A 25 -3.65 -3.05 -19.56
CA ALA A 25 -4.78 -2.15 -19.81
C ALA A 25 -5.69 -2.70 -20.90
N SER A 26 -5.15 -3.52 -21.81
CA SER A 26 -5.96 -4.10 -22.88
C SER A 26 -6.91 -5.15 -22.32
N LYS A 27 -6.39 -6.05 -21.49
CA LYS A 27 -7.26 -7.05 -20.87
C LYS A 27 -8.33 -6.42 -19.97
N PHE A 28 -8.01 -5.35 -19.27
CA PHE A 28 -8.94 -4.69 -18.36
C PHE A 28 -10.06 -3.97 -19.11
N ASN A 29 -9.70 -3.20 -20.14
CA ASN A 29 -10.69 -2.43 -20.87
C ASN A 29 -11.63 -3.28 -21.72
N GLN A 30 -11.39 -4.59 -21.85
CA GLN A 30 -12.34 -5.47 -22.51
C GLN A 30 -13.73 -5.33 -21.89
N THR A 31 -13.78 -5.13 -20.57
CA THR A 31 -15.05 -5.00 -19.89
C THR A 31 -15.13 -3.76 -19.02
N CYS A 32 -14.07 -2.97 -18.92
CA CYS A 32 -14.07 -1.80 -18.04
C CYS A 32 -13.64 -0.54 -18.78
N SER A 33 -13.98 -0.42 -20.06
CA SER A 33 -13.53 0.71 -20.86
C SER A 33 -13.97 2.03 -20.27
N HIS A 34 -15.14 2.06 -19.61
CA HIS A 34 -15.72 3.28 -19.07
C HIS A 34 -14.95 3.85 -17.89
N PHE A 35 -14.02 3.10 -17.30
CA PHE A 35 -13.20 3.65 -16.23
C PHE A 35 -11.95 4.32 -16.80
N ARG A 36 -11.39 5.22 -16.01
CA ARG A 36 -10.11 5.83 -16.32
C ARG A 36 -9.04 5.18 -15.45
N ILE A 37 -8.05 4.55 -16.11
CA ILE A 37 -6.90 3.97 -15.41
C ILE A 37 -5.94 5.09 -15.00
N GLU A 38 -5.66 5.17 -13.70
CA GLU A 38 -4.69 6.18 -13.24
C GLU A 38 -3.25 5.68 -13.34
N LYS A 39 -2.99 4.43 -12.96
CA LYS A 39 -1.64 3.85 -13.06
C LYS A 39 -1.75 2.33 -13.01
N ILE A 40 -0.75 1.66 -13.62
CA ILE A 40 -0.57 0.21 -13.55
C ILE A 40 0.80 -0.08 -12.98
N GLU A 41 0.86 -0.95 -11.96
CA GLU A 41 2.09 -1.23 -11.25
C GLU A 41 2.37 -2.72 -11.23
N ARG A 42 3.64 -3.08 -11.20
CA ARG A 42 4.06 -4.47 -11.05
C ARG A 42 4.57 -4.71 -9.63
N ILE A 43 4.05 -5.74 -8.96
CA ILE A 43 4.50 -6.10 -7.63
C ILE A 43 5.63 -7.12 -7.75
N GLN A 44 6.78 -6.75 -7.20
CA GLN A 44 7.99 -7.57 -7.28
C GLN A 44 8.31 -8.01 -5.86
N ASN A 45 7.87 -9.22 -5.51
CA ASN A 45 8.04 -9.82 -4.19
C ASN A 45 8.75 -11.14 -4.44
N PRO A 46 10.09 -11.18 -4.40
CA PRO A 46 10.80 -12.42 -4.77
C PRO A 46 10.42 -13.63 -3.95
N ASP A 47 10.25 -13.48 -2.63
CA ASP A 47 9.89 -14.62 -1.78
C ASP A 47 8.52 -15.18 -2.14
N LEU A 48 7.53 -14.30 -2.26
CA LEU A 48 6.19 -14.72 -2.64
C LEU A 48 6.22 -15.35 -4.03
N TRP A 49 7.04 -14.79 -4.92
CA TRP A 49 7.15 -15.33 -6.27
C TRP A 49 7.76 -16.73 -6.25
N ASN A 50 8.91 -16.90 -5.60
CA ASN A 50 9.52 -18.24 -5.51
C ASN A 50 8.56 -19.24 -4.93
N SER A 51 7.88 -18.86 -3.84
CA SER A 51 6.93 -19.80 -3.24
C SER A 51 5.84 -20.18 -4.24
N TYR A 52 5.40 -19.22 -5.05
CA TYR A 52 4.34 -19.48 -6.02
C TYR A 52 4.85 -20.40 -7.12
N GLN A 53 6.03 -20.10 -7.67
CA GLN A 53 6.56 -20.92 -8.76
C GLN A 53 6.89 -22.35 -8.30
N ALA A 54 7.21 -22.53 -7.02
CA ALA A 54 7.37 -23.88 -6.48
C ALA A 54 6.04 -24.63 -6.51
N LYS A 55 4.94 -23.96 -6.11
CA LYS A 55 3.67 -24.65 -6.08
C LYS A 55 3.13 -24.84 -7.49
N LYS A 56 3.47 -23.95 -8.42
CA LYS A 56 3.23 -24.21 -9.84
C LYS A 56 4.07 -25.38 -10.35
N LYS A 57 5.32 -25.52 -9.89
CA LYS A 57 6.15 -26.63 -10.37
C LYS A 57 5.55 -27.97 -9.97
N THR A 58 5.06 -28.07 -8.74
CA THR A 58 4.47 -29.31 -8.28
C THR A 58 3.16 -29.61 -8.99
N MET A 59 2.34 -28.58 -9.17
CA MET A 59 1.08 -28.77 -9.86
C MET A 59 1.33 -29.13 -11.32
N ASP A 60 2.31 -28.50 -11.95
CA ASP A 60 2.63 -28.84 -13.32
C ASP A 60 3.09 -30.28 -13.44
N ALA A 61 3.56 -30.87 -12.36
CA ALA A 61 4.01 -32.25 -12.33
C ALA A 61 2.89 -33.22 -11.99
N LYS A 62 1.69 -32.72 -11.77
CA LYS A 62 0.59 -33.55 -11.33
C LYS A 62 -0.60 -33.53 -12.27
N ASN A 63 -0.78 -32.47 -13.04
CA ASN A 63 -1.98 -32.33 -13.85
C ASN A 63 -1.72 -32.56 -15.33
N GLY A 64 -0.61 -33.21 -15.67
CA GLY A 64 -0.28 -33.50 -17.06
C GLY A 64 -0.40 -32.33 -18.01
N GLN A 65 -1.29 -32.46 -18.99
CA GLN A 65 -1.44 -31.47 -20.05
C GLN A 65 -2.20 -30.21 -19.61
N THR A 66 -2.73 -30.17 -18.38
CA THR A 66 -3.54 -29.03 -17.92
C THR A 66 -2.71 -27.75 -17.96
N MET A 67 -3.29 -26.70 -18.53
CA MET A 67 -2.77 -25.33 -18.39
C MET A 67 -3.23 -24.79 -17.03
N ASN A 68 -2.40 -25.02 -16.03
CA ASN A 68 -2.77 -24.77 -14.65
C ASN A 68 -2.98 -23.28 -14.36
N GLU A 69 -2.25 -22.40 -15.02
CA GLU A 69 -2.24 -21.00 -14.65
C GLU A 69 -3.17 -20.18 -15.53
N LYS A 70 -3.95 -19.30 -14.89
CA LYS A 70 -4.73 -18.31 -15.61
C LYS A 70 -4.47 -16.95 -14.97
N GLN A 71 -4.72 -15.93 -15.76
CA GLN A 71 -4.62 -14.55 -15.31
C GLN A 71 -6.04 -14.04 -15.05
N LEU A 72 -6.30 -13.66 -13.79
CA LEU A 72 -7.63 -13.30 -13.32
C LEU A 72 -7.59 -12.00 -12.51
N PHE A 73 -8.77 -11.44 -12.27
CA PHE A 73 -8.91 -10.16 -11.60
C PHE A 73 -9.38 -10.36 -10.18
N HIS A 74 -8.91 -9.48 -9.30
CA HIS A 74 -9.38 -9.46 -7.93
C HIS A 74 -9.44 -8.01 -7.44
N GLY A 75 -10.65 -7.56 -7.15
CA GLY A 75 -10.85 -6.27 -6.57
C GLY A 75 -10.72 -6.38 -5.07
N THR A 76 -10.07 -5.40 -4.47
CA THR A 76 -9.95 -5.32 -3.03
C THR A 76 -10.02 -3.85 -2.65
N ASP A 77 -10.09 -3.58 -1.35
CA ASP A 77 -10.08 -2.19 -0.95
C ASP A 77 -8.65 -1.69 -0.72
N ALA A 78 -8.52 -0.36 -0.61
CA ALA A 78 -7.21 0.26 -0.45
C ALA A 78 -6.50 -0.28 0.78
N GLY A 79 -7.26 -0.59 1.84
CA GLY A 79 -6.65 -1.14 3.04
C GLY A 79 -5.91 -2.45 2.79
N SER A 80 -6.41 -3.27 1.86
CA SER A 80 -5.81 -4.59 1.65
C SER A 80 -4.53 -4.55 0.82
N VAL A 81 -4.31 -3.49 0.04
CA VAL A 81 -3.20 -3.47 -0.92
C VAL A 81 -1.85 -3.78 -0.28
N PRO A 82 -1.43 -3.12 0.81
CA PRO A 82 -0.11 -3.46 1.38
C PRO A 82 -0.04 -4.90 1.88
N HIS A 83 -1.18 -5.47 2.23
CA HIS A 83 -1.21 -6.83 2.74
C HIS A 83 -1.12 -7.88 1.62
N VAL A 84 -1.76 -7.61 0.48
CA VAL A 84 -1.66 -8.52 -0.66
C VAL A 84 -0.28 -8.43 -1.29
N ASN A 85 0.29 -7.21 -1.32
CA ASN A 85 1.62 -7.02 -1.87
C ASN A 85 2.67 -7.84 -1.11
N ARG A 86 2.47 -7.99 0.20
CA ARG A 86 3.43 -8.73 1.00
C ARG A 86 3.04 -10.20 1.08
N ASN A 87 1.77 -10.48 1.37
CA ASN A 87 1.34 -11.83 1.74
C ASN A 87 0.59 -12.56 0.65
N GLY A 88 0.36 -11.95 -0.51
CA GLY A 88 -0.50 -12.59 -1.49
C GLY A 88 -1.91 -12.68 -0.94
N PHE A 89 -2.57 -13.79 -1.24
CA PHE A 89 -3.93 -14.02 -0.77
C PHE A 89 -3.98 -15.16 0.23
N ASN A 90 -2.87 -15.36 0.93
CA ASN A 90 -2.73 -16.41 1.92
C ASN A 90 -3.49 -16.11 3.21
N ARG A 91 -3.88 -17.19 3.89
CA ARG A 91 -4.47 -17.25 5.25
C ARG A 91 -5.29 -16.04 5.69
N ALA A 94 -11.52 -14.18 7.97
CA ALA A 94 -12.53 -13.19 8.36
C ALA A 94 -13.97 -13.31 7.74
N GLY A 95 -14.25 -14.29 6.86
CA GLY A 95 -13.34 -14.92 5.91
C GLY A 95 -13.53 -14.06 4.70
N LYS A 96 -13.12 -12.81 4.86
CA LYS A 96 -13.76 -11.64 4.25
C LYS A 96 -13.63 -11.54 2.74
N ASN A 97 -14.09 -12.57 2.01
CA ASN A 97 -14.16 -12.53 0.56
C ASN A 97 -15.63 -12.55 0.13
N ALA A 98 -15.88 -12.70 -1.15
CA ALA A 98 -17.26 -12.75 -1.63
C ALA A 98 -17.98 -14.01 -1.17
N VAL A 99 -17.95 -14.30 0.12
CA VAL A 99 -18.59 -15.49 0.68
C VAL A 99 -20.06 -15.23 0.98
N GLY A 102 -15.52 -20.20 1.51
CA GLY A 102 -15.38 -18.94 2.20
C GLY A 102 -14.05 -18.77 2.89
N LYS A 103 -13.40 -19.89 3.10
CA LYS A 103 -11.99 -19.89 3.41
C LYS A 103 -11.14 -19.69 2.17
N GLY A 104 -11.75 -19.25 1.07
CA GLY A 104 -11.01 -18.99 -0.15
C GLY A 104 -11.04 -17.55 -0.62
N THR A 105 -10.43 -17.36 -1.79
CA THR A 105 -10.29 -16.09 -2.45
C THR A 105 -10.97 -16.16 -3.82
N TYR A 106 -11.66 -15.09 -4.19
CA TYR A 106 -12.46 -15.05 -5.41
C TYR A 106 -11.68 -14.33 -6.50
N PHE A 107 -11.63 -14.94 -7.68
CA PHE A 107 -11.02 -14.28 -8.83
C PHE A 107 -12.00 -14.29 -9.98
N ALA A 108 -12.00 -13.21 -10.74
CA ALA A 108 -12.94 -13.06 -11.84
C ALA A 108 -12.21 -13.24 -13.16
N VAL A 109 -12.85 -13.96 -14.08
CA VAL A 109 -12.32 -14.03 -15.43
C VAL A 109 -12.32 -12.64 -16.06
N ASN A 110 -13.42 -11.90 -15.88
CA ASN A 110 -13.55 -10.56 -16.45
C ASN A 110 -13.43 -9.51 -15.36
N ALA A 111 -12.80 -8.40 -15.71
CA ALA A 111 -12.49 -7.40 -14.72
C ALA A 111 -13.76 -6.73 -14.18
N ASN A 112 -14.87 -6.72 -14.93
CA ASN A 112 -16.04 -5.97 -14.47
C ASN A 112 -16.69 -6.58 -13.23
N TYR A 113 -16.56 -7.89 -13.01
CA TYR A 113 -17.04 -8.43 -11.73
C TYR A 113 -16.21 -7.85 -10.58
N SER A 114 -14.90 -7.70 -10.78
CA SER A 114 -14.03 -7.15 -9.73
C SER A 114 -14.14 -5.64 -9.59
N ALA A 115 -14.53 -4.94 -10.66
CA ALA A 115 -14.69 -3.50 -10.67
C ALA A 115 -15.97 -3.05 -9.97
N ASN A 116 -16.80 -3.98 -9.54
CA ASN A 116 -17.96 -3.65 -8.74
C ASN A 116 -17.54 -3.02 -7.41
N ASP A 117 -18.23 -1.94 -7.02
CA ASP A 117 -17.85 -1.16 -5.85
C ASP A 117 -17.78 -2.00 -4.58
N THR A 118 -18.51 -3.11 -4.52
CA THR A 118 -18.50 -4.00 -3.36
C THR A 118 -17.12 -4.63 -3.14
N TYR A 119 -16.38 -4.91 -4.21
CA TYR A 119 -15.06 -5.53 -4.07
C TYR A 119 -13.93 -4.50 -4.17
N SER A 120 -13.85 -3.78 -5.30
CA SER A 120 -12.85 -2.71 -5.40
C SER A 120 -13.48 -1.40 -4.90
N ARG A 121 -13.64 -1.36 -3.59
CA ARG A 121 -14.31 -0.24 -2.93
C ARG A 121 -13.58 1.07 -3.21
N PRO A 122 -14.28 2.13 -3.65
CA PRO A 122 -13.62 3.43 -3.82
C PRO A 122 -13.11 3.97 -2.47
N ASP A 123 -11.84 4.40 -2.44
CA ASP A 123 -11.27 4.96 -1.22
C ASP A 123 -11.66 6.43 -1.09
N ALA A 124 -11.18 7.08 -0.01
CA ALA A 124 -11.54 8.47 0.29
C ALA A 124 -11.28 9.42 -0.88
N ASN A 125 -10.34 9.08 -1.76
CA ASN A 125 -10.07 9.91 -2.93
C ASN A 125 -10.81 9.43 -4.16
N GLY A 126 -11.65 8.41 -4.04
CA GLY A 126 -12.40 7.85 -5.16
C GLY A 126 -11.65 6.83 -6.01
N ARG A 127 -10.50 6.34 -5.57
CA ARG A 127 -9.69 5.42 -6.36
C ARG A 127 -10.06 3.98 -6.06
N LYS A 128 -10.09 3.16 -7.12
CA LYS A 128 -10.45 1.74 -7.04
C LYS A 128 -9.25 0.87 -7.38
N HIS A 129 -9.19 -0.32 -6.78
CA HIS A 129 -8.00 -1.16 -6.87
C HIS A 129 -8.38 -2.57 -7.31
N VAL A 130 -7.77 -3.02 -8.40
CA VAL A 130 -8.00 -4.34 -8.97
C VAL A 130 -6.67 -4.93 -9.37
N TYR A 131 -6.37 -6.11 -8.86
CA TYR A 131 -5.19 -6.85 -9.26
C TYR A 131 -5.45 -7.70 -10.49
N TYR A 132 -4.40 -7.85 -11.30
CA TYR A 132 -4.37 -8.80 -12.40
C TYR A 132 -3.43 -9.89 -11.91
N VAL A 133 -4.01 -11.04 -11.59
CA VAL A 133 -3.40 -12.04 -10.71
C VAL A 133 -3.07 -13.31 -11.49
N ARG A 134 -1.87 -13.85 -11.26
CA ARG A 134 -1.53 -15.18 -11.77
C ARG A 134 -2.07 -16.23 -10.80
N VAL A 135 -3.02 -17.04 -11.25
CA VAL A 135 -3.70 -17.98 -10.38
C VAL A 135 -3.54 -19.39 -10.93
N LEU A 136 -3.16 -20.32 -10.06
CA LEU A 136 -3.05 -21.73 -10.42
C LEU A 136 -4.44 -22.35 -10.27
N THR A 137 -5.29 -22.10 -11.26
CA THR A 137 -6.63 -22.67 -11.23
C THR A 137 -6.56 -24.18 -11.29
N GLY A 138 -5.62 -24.72 -12.08
CA GLY A 138 -5.42 -26.15 -12.13
C GLY A 138 -6.64 -26.89 -12.65
N ILE A 139 -6.99 -27.98 -11.95
CA ILE A 139 -8.17 -28.78 -12.25
C ILE A 139 -9.26 -28.36 -11.29
N TYR A 140 -10.38 -27.87 -11.84
CA TYR A 140 -11.46 -27.32 -11.03
C TYR A 140 -12.76 -28.07 -11.31
N THR A 141 -13.68 -27.96 -10.34
CA THR A 141 -15.02 -28.48 -10.43
C THR A 141 -16.00 -27.37 -10.03
N HIS A 142 -17.30 -27.68 -10.04
CA HIS A 142 -18.33 -26.71 -9.66
C HIS A 142 -18.36 -26.55 -8.14
N GLY A 143 -18.58 -25.30 -7.68
CA GLY A 143 -18.60 -24.98 -6.26
C GLY A 143 -19.98 -24.52 -5.81
N ASN A 144 -20.14 -24.37 -4.49
CA ASN A 144 -21.43 -23.97 -3.90
C ASN A 144 -21.28 -23.00 -2.71
N HIS A 145 -20.53 -21.92 -2.89
CA HIS A 145 -20.25 -20.86 -1.90
C HIS A 145 -20.25 -21.24 -0.41
N SER A 146 -20.08 -22.53 -0.09
CA SER A 146 -20.11 -23.01 1.29
C SER A 146 -18.91 -23.89 1.60
N LEU A 147 -17.85 -23.77 0.81
CA LEU A 147 -16.72 -24.67 0.90
C LEU A 147 -15.61 -24.08 1.74
N ILE A 148 -15.11 -24.88 2.65
CA ILE A 148 -13.90 -24.58 3.41
C ILE A 148 -12.65 -25.13 2.77
N VAL A 149 -12.77 -26.26 2.07
CA VAL A 149 -11.73 -26.74 1.16
C VAL A 149 -12.41 -27.24 -0.09
N PRO A 150 -11.68 -27.37 -1.20
CA PRO A 150 -12.30 -27.91 -2.41
C PRO A 150 -12.63 -29.38 -2.23
N PRO A 151 -13.66 -29.89 -2.90
CA PRO A 151 -14.03 -31.30 -2.74
C PRO A 151 -12.96 -32.22 -3.31
N SER A 152 -12.98 -33.47 -2.85
CA SER A 152 -12.05 -34.47 -3.37
C SER A 152 -12.51 -34.98 -4.72
N LYS A 153 -11.55 -35.17 -5.63
CA LYS A 153 -11.86 -35.61 -6.99
C LYS A 153 -12.47 -36.99 -7.00
N ASN A 154 -11.90 -37.88 -6.21
CA ASN A 154 -12.28 -39.26 -6.21
C ASN A 154 -12.69 -39.68 -4.80
N PRO A 155 -13.87 -40.29 -4.60
CA PRO A 155 -14.22 -40.77 -3.24
C PRO A 155 -13.42 -41.99 -2.76
N GLN A 156 -12.87 -42.78 -3.70
CA GLN A 156 -11.85 -43.77 -3.39
C GLN A 156 -10.67 -43.13 -2.67
N ASN A 157 -10.19 -41.97 -3.17
CA ASN A 157 -8.98 -41.32 -2.69
C ASN A 157 -9.27 -39.90 -2.22
N PRO A 158 -9.75 -39.71 -0.98
CA PRO A 158 -9.99 -38.34 -0.50
C PRO A 158 -8.72 -37.53 -0.29
N THR A 159 -7.52 -38.13 -0.43
CA THR A 159 -6.27 -37.40 -0.60
C THR A 159 -6.39 -36.20 -1.52
N ASP A 160 -6.58 -36.47 -2.81
CA ASP A 160 -6.37 -35.47 -3.85
C ASP A 160 -7.67 -34.70 -4.04
N LEU A 161 -7.65 -33.43 -3.65
CA LEU A 161 -8.75 -32.52 -3.86
C LEU A 161 -8.54 -31.74 -5.15
N TYR A 162 -9.61 -31.11 -5.62
CA TYR A 162 -9.48 -30.22 -6.76
C TYR A 162 -8.62 -29.01 -6.38
N ASP A 163 -8.09 -28.34 -7.40
CA ASP A 163 -7.25 -27.17 -7.16
C ASP A 163 -8.09 -25.94 -6.87
N THR A 164 -9.18 -25.75 -7.62
CA THR A 164 -10.06 -24.62 -7.43
C THR A 164 -11.50 -25.07 -7.68
N VAL A 165 -12.46 -24.19 -7.34
CA VAL A 165 -13.86 -24.41 -7.71
C VAL A 165 -14.30 -23.24 -8.58
N THR A 166 -15.37 -23.47 -9.34
CA THR A 166 -15.80 -22.49 -10.33
C THR A 166 -17.31 -22.47 -10.36
N ASP A 167 -17.87 -21.43 -10.98
CA ASP A 167 -19.32 -21.36 -11.13
C ASP A 167 -19.82 -22.28 -12.24
N ASN A 168 -18.98 -22.50 -13.25
CA ASN A 168 -19.34 -23.19 -14.48
C ASN A 168 -18.07 -23.84 -15.00
N VAL A 169 -18.08 -25.18 -15.06
CA VAL A 169 -16.89 -25.91 -15.38
C VAL A 169 -16.49 -25.73 -16.85
N HIS A 170 -17.43 -25.38 -17.72
CA HIS A 170 -17.10 -25.25 -19.13
C HIS A 170 -17.08 -23.83 -19.64
N HIS A 171 -17.80 -22.91 -19.01
CA HIS A 171 -17.68 -21.48 -19.30
C HIS A 171 -17.52 -20.75 -17.98
N PRO A 172 -16.36 -20.86 -17.33
CA PRO A 172 -16.18 -20.23 -16.01
C PRO A 172 -16.19 -18.72 -16.13
N SER A 173 -16.81 -18.06 -15.16
CA SER A 173 -16.64 -16.62 -15.03
C SER A 173 -15.90 -16.21 -13.75
N LEU A 174 -15.79 -17.11 -12.77
CA LEU A 174 -15.15 -16.86 -11.47
C LEU A 174 -14.49 -18.14 -10.98
N PHE A 175 -13.39 -17.98 -10.23
CA PHE A 175 -12.71 -19.09 -9.57
C PHE A 175 -12.53 -18.80 -8.08
N VAL A 176 -12.52 -19.84 -7.26
CA VAL A 176 -12.21 -19.73 -5.84
C VAL A 176 -10.97 -20.58 -5.54
N ALA A 177 -9.91 -19.96 -4.99
CA ALA A 177 -8.72 -20.69 -4.58
C ALA A 177 -8.65 -20.78 -3.06
N PHE A 178 -8.08 -21.88 -2.55
CA PHE A 178 -8.10 -22.12 -1.11
C PHE A 178 -6.73 -22.31 -0.47
N TYR A 179 -5.67 -22.55 -1.25
CA TYR A 179 -4.38 -22.94 -0.71
C TYR A 179 -3.41 -21.78 -0.72
N ASP A 180 -2.34 -21.96 0.05
CA ASP A 180 -1.28 -20.97 0.15
C ASP A 180 -0.44 -20.93 -1.12
N TYR A 181 -0.05 -19.70 -1.51
CA TYR A 181 0.86 -19.48 -2.65
C TYR A 181 0.28 -19.97 -3.97
N GLN A 182 -1.03 -19.99 -4.07
CA GLN A 182 -1.69 -20.36 -5.30
C GLN A 182 -1.87 -19.19 -6.25
N ALA A 183 -1.68 -17.96 -5.77
CA ALA A 183 -1.92 -16.77 -6.56
C ALA A 183 -0.78 -15.77 -6.34
N TYR A 184 -0.37 -15.11 -7.40
CA TYR A 184 0.63 -14.07 -7.30
C TYR A 184 0.04 -12.78 -7.85
N PRO A 185 0.01 -11.69 -7.04
CA PRO A 185 -0.57 -10.40 -7.45
C PRO A 185 0.38 -9.57 -8.29
N GLU A 186 0.51 -9.96 -9.56
CA GLU A 186 1.58 -9.41 -10.41
C GLU A 186 1.40 -7.93 -10.69
N TYR A 187 0.18 -7.51 -11.03
CA TYR A 187 -0.09 -6.14 -11.41
C TYR A 187 -1.21 -5.58 -10.56
N LEU A 188 -1.10 -4.31 -10.24
CA LEU A 188 -2.13 -3.57 -9.52
C LEU A 188 -2.64 -2.47 -10.45
N ILE A 189 -3.94 -2.44 -10.68
CA ILE A 189 -4.54 -1.39 -11.49
C ILE A 189 -5.26 -0.44 -10.55
N THR A 190 -4.86 0.83 -10.56
CA THR A 190 -5.53 1.89 -9.80
C THR A 190 -6.30 2.75 -10.79
N PHE A 191 -7.60 2.91 -10.53
CA PHE A 191 -8.44 3.60 -11.49
C PHE A 191 -9.55 4.34 -10.74
N ARG A 192 -10.32 5.11 -11.50
CA ARG A 192 -11.46 5.81 -10.94
C ARG A 192 -12.55 5.87 -12.00
N LYS A 193 -13.74 6.29 -11.56
CA LYS A 193 -14.93 6.30 -12.42
C LYS A 193 -14.92 7.44 -13.42
N LYS B 5 10.84 11.76 -12.79
CA LYS B 5 11.27 10.54 -12.10
C LYS B 5 10.09 9.64 -11.74
N GLN B 6 10.32 8.33 -11.76
CA GLN B 6 9.23 7.39 -11.49
C GLN B 6 8.97 7.22 -9.99
N GLN B 7 9.99 7.38 -9.16
CA GLN B 7 9.85 7.30 -7.71
C GLN B 7 9.24 5.96 -7.31
N ASN B 8 9.79 4.88 -7.86
CA ASN B 8 9.41 3.55 -7.40
C ASN B 8 10.03 3.32 -6.03
N PHE B 9 9.54 2.28 -5.34
CA PHE B 9 9.92 2.12 -3.94
C PHE B 9 9.80 0.67 -3.53
N CYS B 10 10.51 0.32 -2.44
CA CYS B 10 10.42 -0.99 -1.82
C CYS B 10 10.04 -0.82 -0.37
N VAL B 11 9.43 -1.85 0.19
CA VAL B 11 8.92 -1.80 1.55
C VAL B 11 9.57 -2.91 2.33
N VAL B 12 10.42 -2.55 3.29
CA VAL B 12 11.25 -3.50 4.00
C VAL B 12 10.72 -3.63 5.42
N GLU B 13 10.25 -4.81 5.80
CA GLU B 13 9.74 -4.95 7.15
C GLU B 13 10.90 -5.14 8.11
N LEU B 14 10.90 -4.39 9.20
CA LEU B 14 11.96 -4.49 10.19
C LEU B 14 11.67 -5.62 11.16
N LEU B 15 12.71 -6.31 11.54
CA LEU B 15 12.56 -7.38 12.53
C LEU B 15 12.49 -6.75 13.92
N PRO B 16 11.69 -7.32 14.84
CA PRO B 16 11.68 -6.80 16.22
C PRO B 16 13.04 -6.81 16.88
N SER B 17 13.99 -7.58 16.37
CA SER B 17 15.35 -7.61 16.92
C SER B 17 16.23 -6.51 16.34
N ASP B 18 15.81 -5.91 15.23
CA ASP B 18 16.56 -4.84 14.59
C ASP B 18 16.76 -3.67 15.56
N PRO B 19 17.90 -2.98 15.51
CA PRO B 19 18.01 -1.73 16.29
C PRO B 19 17.06 -0.64 15.82
N GLU B 20 16.80 -0.55 14.51
CA GLU B 20 15.87 0.46 14.02
C GLU B 20 14.46 0.19 14.52
N TYR B 21 14.05 -1.07 14.56
CA TYR B 21 12.72 -1.39 15.09
C TYR B 21 12.59 -0.85 16.52
N ASN B 22 13.57 -1.14 17.36
CA ASN B 22 13.44 -0.74 18.75
C ASN B 22 13.53 0.78 18.88
N THR B 23 14.33 1.43 18.04
CA THR B 23 14.34 2.90 18.02
C THR B 23 12.96 3.47 17.66
N VAL B 24 12.31 2.93 16.64
CA VAL B 24 11.06 3.51 16.21
C VAL B 24 9.95 3.17 17.20
N ALA B 25 9.81 1.89 17.53
CA ALA B 25 8.80 1.50 18.51
C ALA B 25 8.97 2.23 19.83
N SER B 26 10.21 2.63 20.16
CA SER B 26 10.43 3.31 21.42
C SER B 26 9.84 4.71 21.41
N LYS B 27 10.09 5.47 20.34
CA LYS B 27 9.54 6.82 20.22
C LYS B 27 8.01 6.79 20.14
N PHE B 28 7.46 5.77 19.48
CA PHE B 28 6.02 5.64 19.34
C PHE B 28 5.37 5.32 20.68
N ASN B 29 5.96 4.37 21.42
CA ASN B 29 5.43 3.96 22.71
C ASN B 29 5.62 5.01 23.81
N GLN B 30 6.34 6.11 23.56
CA GLN B 30 6.37 7.20 24.52
C GLN B 30 4.95 7.67 24.84
N THR B 31 4.09 7.70 23.83
CA THR B 31 2.72 8.16 24.00
C THR B 31 1.68 7.19 23.47
N CYS B 32 2.07 6.06 22.87
CA CYS B 32 1.10 5.13 22.29
C CYS B 32 1.31 3.68 22.75
N SER B 33 1.78 3.49 23.98
CA SER B 33 2.04 2.15 24.50
C SER B 33 0.79 1.27 24.50
N HIS B 34 -0.39 1.86 24.70
CA HIS B 34 -1.64 1.13 24.79
C HIS B 34 -2.05 0.49 23.46
N PHE B 35 -1.42 0.88 22.36
CA PHE B 35 -1.70 0.24 21.08
C PHE B 35 -0.81 -0.99 20.91
N ARG B 36 -1.24 -1.87 20.01
CA ARG B 36 -0.48 -3.05 19.61
C ARG B 36 0.17 -2.78 18.25
N ILE B 37 1.50 -2.72 18.20
CA ILE B 37 2.22 -2.56 16.94
C ILE B 37 2.24 -3.90 16.20
N GLU B 38 1.69 -3.91 14.98
CA GLU B 38 1.74 -5.15 14.18
C GLU B 38 3.01 -5.24 13.34
N LYS B 39 3.46 -4.14 12.73
CA LYS B 39 4.71 -4.16 11.98
C LYS B 39 5.23 -2.74 11.79
N ILE B 40 6.55 -2.63 11.64
CA ILE B 40 7.23 -1.39 11.26
C ILE B 40 8.00 -1.64 9.98
N GLU B 41 7.80 -0.80 8.99
CA GLU B 41 8.43 -0.98 7.68
C GLU B 41 9.17 0.28 7.28
N ARG B 42 10.25 0.11 6.53
CA ARG B 42 11.02 1.22 5.99
C ARG B 42 10.68 1.39 4.51
N ILE B 43 10.36 2.61 4.13
CA ILE B 43 10.06 2.92 2.73
C ILE B 43 11.36 3.33 2.05
N GLN B 44 11.73 2.60 1.01
CA GLN B 44 12.99 2.78 0.27
C GLN B 44 12.67 3.22 -1.14
N ASN B 45 12.64 4.55 -1.32
CA ASN B 45 12.30 5.24 -2.56
C ASN B 45 13.49 6.11 -2.95
N PRO B 46 14.43 5.59 -3.75
CA PRO B 46 15.67 6.35 -4.02
C PRO B 46 15.42 7.74 -4.63
N ASP B 47 14.48 7.85 -5.56
CA ASP B 47 14.24 9.14 -6.21
C ASP B 47 13.71 10.17 -5.22
N LEU B 48 12.70 9.76 -4.44
CA LEU B 48 12.13 10.64 -3.44
C LEU B 48 13.18 11.00 -2.41
N TRP B 49 14.05 10.05 -2.06
CA TRP B 49 15.11 10.28 -1.10
C TRP B 49 16.11 11.31 -1.63
N ASN B 50 16.64 11.09 -2.85
CA ASN B 50 17.56 12.05 -3.44
C ASN B 50 16.95 13.44 -3.49
N SER B 51 15.68 13.54 -3.89
CA SER B 51 15.03 14.85 -3.92
C SER B 51 14.97 15.46 -2.54
N TYR B 52 14.72 14.65 -1.52
CA TYR B 52 14.65 15.16 -0.16
C TYR B 52 16.02 15.64 0.32
N GLN B 53 17.05 14.82 0.13
CA GLN B 53 18.39 15.18 0.57
C GLN B 53 18.94 16.37 -0.21
N ALA B 54 18.48 16.56 -1.44
CA ALA B 54 18.85 17.75 -2.20
C ALA B 54 18.27 18.99 -1.54
N LYS B 55 17.00 18.95 -1.13
CA LYS B 55 16.42 20.14 -0.55
C LYS B 55 16.93 20.35 0.87
N LYS B 56 17.32 19.26 1.55
CA LYS B 56 18.04 19.39 2.82
C LYS B 56 19.41 20.04 2.64
N LYS B 57 20.13 19.71 1.55
CA LYS B 57 21.44 20.33 1.35
C LYS B 57 21.29 21.82 1.16
N THR B 58 20.27 22.23 0.43
CA THR B 58 20.03 23.65 0.19
C THR B 58 19.67 24.35 1.49
N MET B 59 18.80 23.75 2.29
CA MET B 59 18.41 24.36 3.56
C MET B 59 19.57 24.36 4.54
N ASP B 60 20.39 23.30 4.55
CA ASP B 60 21.53 23.28 5.46
C ASP B 60 22.54 24.37 5.15
N ALA B 61 22.57 24.86 3.91
CA ALA B 61 23.47 25.94 3.51
C ALA B 61 22.82 27.31 3.68
N LYS B 62 21.59 27.38 4.20
CA LYS B 62 20.84 28.62 4.29
C LYS B 62 20.46 28.99 5.72
N ASN B 63 20.37 28.01 6.63
CA ASN B 63 19.92 28.27 7.98
C ASN B 63 21.07 28.20 9.00
N GLY B 64 22.30 28.33 8.55
CA GLY B 64 23.43 28.27 9.46
C GLY B 64 23.41 27.12 10.45
N GLN B 65 23.39 27.44 11.74
CA GLN B 65 23.49 26.48 12.84
C GLN B 65 22.19 25.71 13.10
N THR B 66 21.10 26.04 12.42
CA THR B 66 19.82 25.37 12.67
C THR B 66 19.91 23.88 12.38
N MET B 67 19.43 23.07 13.32
CA MET B 67 19.15 21.66 13.07
C MET B 67 17.85 21.59 12.29
N ASN B 68 17.97 21.59 10.96
CA ASN B 68 16.80 21.73 10.09
C ASN B 68 15.85 20.53 10.17
N GLU B 69 16.36 19.34 10.42
CA GLU B 69 15.57 18.12 10.27
C GLU B 69 15.03 17.67 11.61
N LYS B 70 13.76 17.27 11.62
CA LYS B 70 13.18 16.61 12.77
C LYS B 70 12.45 15.36 12.30
N GLN B 71 12.30 14.42 13.24
CA GLN B 71 11.53 13.21 13.01
C GLN B 71 10.19 13.34 13.70
N LEU B 72 9.12 13.35 12.90
CA LEU B 72 7.76 13.63 13.37
C LEU B 72 6.80 12.57 12.84
N PHE B 73 5.58 12.56 13.37
CA PHE B 73 4.60 11.53 13.05
C PHE B 73 3.49 12.05 12.13
N HIS B 74 2.99 11.18 11.25
CA HIS B 74 1.87 11.53 10.38
C HIS B 74 0.88 10.38 10.24
N GLY B 75 -0.33 10.58 10.77
CA GLY B 75 -1.38 9.60 10.65
C GLY B 75 -2.12 9.81 9.34
N THR B 76 -2.41 8.71 8.67
CA THR B 76 -3.15 8.80 7.43
C THR B 76 -4.05 7.58 7.31
N ASP B 77 -4.91 7.59 6.30
CA ASP B 77 -5.75 6.42 6.10
C ASP B 77 -5.05 5.41 5.20
N ALA B 78 -5.61 4.19 5.16
CA ALA B 78 -4.99 3.13 4.39
C ALA B 78 -4.87 3.48 2.91
N GLY B 79 -5.83 4.23 2.37
CA GLY B 79 -5.78 4.59 0.96
C GLY B 79 -4.55 5.41 0.60
N SER B 80 -4.11 6.28 1.51
CA SER B 80 -3.04 7.21 1.21
C SER B 80 -1.66 6.54 1.21
N VAL B 81 -1.53 5.40 1.88
CA VAL B 81 -0.23 4.75 2.06
C VAL B 81 0.50 4.52 0.73
N PRO B 82 -0.10 3.88 -0.29
CA PRO B 82 0.68 3.67 -1.54
C PRO B 82 1.04 4.98 -2.20
N HIS B 83 0.24 6.02 -1.96
CA HIS B 83 0.46 7.31 -2.56
C HIS B 83 1.56 8.10 -1.85
N VAL B 84 1.66 7.95 -0.52
CA VAL B 84 2.75 8.58 0.24
C VAL B 84 4.05 7.83 -0.01
N ASN B 85 3.96 6.50 -0.14
CA ASN B 85 5.16 5.70 -0.36
C ASN B 85 5.88 6.11 -1.64
N ARG B 86 5.11 6.55 -2.64
CA ARG B 86 5.63 6.91 -3.95
C ARG B 86 5.96 8.40 -4.03
N ASN B 87 5.01 9.27 -3.64
CA ASN B 87 5.09 10.69 -3.91
C ASN B 87 5.46 11.52 -2.69
N GLY B 88 5.73 10.90 -1.55
CA GLY B 88 5.94 11.69 -0.35
C GLY B 88 4.64 12.39 0.06
N PHE B 89 4.75 13.64 0.54
CA PHE B 89 3.56 14.40 0.92
C PHE B 89 3.36 15.58 -0.01
N ASN B 90 3.89 15.48 -1.21
CA ASN B 90 3.85 16.58 -2.17
C ASN B 90 2.45 16.83 -2.68
N ARG B 91 2.22 18.08 -3.11
CA ARG B 91 1.03 18.62 -3.74
C ARG B 91 -0.26 17.91 -3.32
N SER B 92 -0.55 17.98 -2.02
CA SER B 92 -1.77 17.38 -1.43
C SER B 92 -3.05 17.65 -2.26
N LYS B 96 -6.85 17.66 1.95
CA LYS B 96 -7.31 16.80 3.04
C LYS B 96 -6.20 16.67 4.12
N ASN B 97 -5.86 17.77 4.77
CA ASN B 97 -5.02 17.60 5.96
C ASN B 97 -5.71 18.09 7.24
N ALA B 98 -5.84 19.40 7.42
CA ALA B 98 -6.55 19.93 8.59
C ALA B 98 -6.80 21.43 8.42
N LYS B 103 -3.48 23.97 3.80
CA LYS B 103 -3.24 23.31 2.52
C LYS B 103 -1.82 22.75 2.47
N GLY B 104 -1.26 22.56 3.66
CA GLY B 104 0.01 21.92 3.83
C GLY B 104 -0.18 20.55 4.46
N THR B 105 0.89 20.03 5.01
CA THR B 105 0.84 18.74 5.66
C THR B 105 1.19 18.92 7.13
N TYR B 106 0.44 18.24 7.98
CA TYR B 106 0.55 18.35 9.43
C TYR B 106 1.38 17.18 9.95
N PHE B 107 2.34 17.48 10.80
CA PHE B 107 3.17 16.50 11.48
C PHE B 107 3.12 16.78 12.97
N ALA B 108 3.12 15.71 13.77
CA ALA B 108 3.03 15.80 15.21
C ALA B 108 4.37 15.46 15.86
N VAL B 109 4.73 16.21 16.90
CA VAL B 109 5.90 15.85 17.69
C VAL B 109 5.69 14.49 18.37
N ASN B 110 4.50 14.27 18.94
CA ASN B 110 4.19 13.01 19.61
C ASN B 110 3.22 12.17 18.79
N ALA B 111 3.37 10.84 18.89
CA ALA B 111 2.57 9.94 18.05
C ALA B 111 1.09 9.99 18.40
N ASN B 112 0.72 10.36 19.64
CA ASN B 112 -0.69 10.23 20.03
C ASN B 112 -1.59 11.19 19.28
N TYR B 113 -1.07 12.32 18.81
CA TYR B 113 -1.91 13.16 17.95
C TYR B 113 -2.23 12.44 16.67
N SER B 114 -1.22 11.77 16.09
CA SER B 114 -1.42 11.07 14.82
C SER B 114 -2.19 9.76 14.99
N ALA B 115 -2.15 9.15 16.18
CA ALA B 115 -2.87 7.92 16.42
C ALA B 115 -4.37 8.14 16.61
N ASN B 116 -4.82 9.40 16.65
CA ASN B 116 -6.24 9.70 16.71
C ASN B 116 -6.98 9.18 15.48
N ASP B 117 -8.14 8.55 15.70
CA ASP B 117 -8.85 7.88 14.61
C ASP B 117 -9.19 8.83 13.46
N THR B 118 -9.27 10.13 13.73
CA THR B 118 -9.57 11.10 12.67
C THR B 118 -8.49 11.12 11.60
N TYR B 119 -7.21 10.95 11.99
CA TYR B 119 -6.08 10.99 11.06
C TYR B 119 -5.62 9.59 10.64
N SER B 120 -5.26 8.74 11.59
CA SER B 120 -4.91 7.34 11.25
C SER B 120 -6.18 6.49 11.30
N ARG B 121 -7.05 6.72 10.32
CA ARG B 121 -8.35 6.05 10.38
C ARG B 121 -8.18 4.54 10.32
N PRO B 122 -8.81 3.79 11.21
CA PRO B 122 -8.78 2.31 11.10
C PRO B 122 -9.43 1.86 9.79
N ASP B 123 -8.72 0.99 9.07
CA ASP B 123 -9.27 0.46 7.83
C ASP B 123 -10.26 -0.65 8.15
N ALA B 124 -10.81 -1.30 7.09
CA ALA B 124 -11.85 -2.31 7.29
C ALA B 124 -11.43 -3.42 8.25
N ASN B 125 -10.13 -3.67 8.39
CA ASN B 125 -9.64 -4.70 9.30
C ASN B 125 -9.29 -4.14 10.67
N GLY B 126 -9.55 -2.86 10.90
CA GLY B 126 -9.19 -2.24 12.17
C GLY B 126 -7.76 -1.76 12.29
N ARG B 127 -7.02 -1.68 11.18
CA ARG B 127 -5.61 -1.31 11.22
C ARG B 127 -5.42 0.19 11.02
N LYS B 128 -4.50 0.74 11.82
CA LYS B 128 -4.15 2.15 11.80
C LYS B 128 -2.72 2.30 11.30
N HIS B 129 -2.47 3.42 10.61
CA HIS B 129 -1.22 3.69 9.93
C HIS B 129 -0.72 5.06 10.34
N VAL B 130 0.52 5.11 10.82
CA VAL B 130 1.20 6.35 11.24
C VAL B 130 2.63 6.24 10.73
N TYR B 131 3.03 7.22 9.94
CA TYR B 131 4.40 7.32 9.48
C TYR B 131 5.26 8.06 10.50
N TYR B 132 6.53 7.68 10.58
CA TYR B 132 7.57 8.40 11.32
C TYR B 132 8.46 9.07 10.29
N VAL B 133 8.34 10.39 10.18
CA VAL B 133 8.75 11.12 8.98
C VAL B 133 9.97 11.97 9.30
N ARG B 134 10.95 11.95 8.40
CA ARG B 134 12.05 12.92 8.42
C ARG B 134 11.54 14.19 7.75
N VAL B 135 11.42 15.26 8.53
CA VAL B 135 10.84 16.52 8.09
C VAL B 135 11.85 17.64 8.27
N LEU B 136 11.99 18.47 7.22
CA LEU B 136 12.84 19.66 7.25
C LEU B 136 12.05 20.84 7.84
N THR B 137 11.93 20.85 9.16
CA THR B 137 11.21 21.92 9.83
C THR B 137 11.92 23.26 9.63
N GLY B 138 13.25 23.24 9.59
CA GLY B 138 14.03 24.43 9.29
C GLY B 138 13.82 25.50 10.32
N ILE B 139 13.61 26.73 9.83
CA ILE B 139 13.29 27.88 10.67
C ILE B 139 11.79 28.07 10.57
N TYR B 140 11.09 28.00 11.70
CA TYR B 140 9.63 28.07 11.73
C TYR B 140 9.15 29.24 12.59
N THR B 141 7.92 29.67 12.34
CA THR B 141 7.22 30.68 13.12
C THR B 141 5.86 30.16 13.53
N HIS B 142 5.08 30.99 14.24
CA HIS B 142 3.73 30.62 14.62
C HIS B 142 2.81 30.72 13.41
N GLY B 143 1.92 29.73 13.27
CA GLY B 143 1.01 29.67 12.14
C GLY B 143 -0.44 29.75 12.57
N ASN B 144 -1.32 29.80 11.56
CA ASN B 144 -2.76 29.73 11.72
C ASN B 144 -3.27 28.84 10.58
N HIS B 145 -4.25 28.00 10.90
CA HIS B 145 -4.75 26.99 9.96
C HIS B 145 -5.38 27.54 8.68
N SER B 146 -5.04 28.77 8.29
CA SER B 146 -5.64 29.40 7.12
C SER B 146 -4.59 29.94 6.17
N LEU B 147 -3.33 29.51 6.33
CA LEU B 147 -2.22 29.92 5.48
C LEU B 147 -1.99 28.83 4.46
N ILE B 148 -1.88 29.21 3.19
CA ILE B 148 -1.51 28.25 2.16
C ILE B 148 -0.03 28.34 1.80
N VAL B 149 0.64 29.42 2.18
CA VAL B 149 2.10 29.52 2.11
C VAL B 149 2.57 30.03 3.47
N PRO B 150 3.81 29.75 3.85
CA PRO B 150 4.32 30.28 5.11
C PRO B 150 4.54 31.79 5.01
N PRO B 151 4.44 32.50 6.13
CA PRO B 151 4.63 33.96 6.08
C PRO B 151 6.06 34.32 5.73
N SER B 152 6.25 35.55 5.26
CA SER B 152 7.58 36.04 4.94
C SER B 152 8.34 36.40 6.21
N LYS B 153 9.64 36.05 6.24
CA LYS B 153 10.47 36.32 7.42
C LYS B 153 10.67 37.82 7.60
N ASN B 154 10.95 38.53 6.51
CA ASN B 154 11.25 39.94 6.48
C ASN B 154 10.21 40.66 5.64
N PRO B 155 9.54 41.71 6.14
CA PRO B 155 8.63 42.48 5.28
C PRO B 155 9.36 43.30 4.23
N GLN B 156 10.63 43.67 4.48
CA GLN B 156 11.51 44.21 3.45
C GLN B 156 11.69 43.22 2.31
N ASN B 157 11.89 41.95 2.64
CA ASN B 157 12.27 40.91 1.70
C ASN B 157 11.26 39.78 1.72
N PRO B 158 10.10 39.95 1.04
CA PRO B 158 9.12 38.85 0.99
C PRO B 158 9.59 37.65 0.20
N THR B 159 10.78 37.74 -0.41
CA THR B 159 11.56 36.60 -0.86
C THR B 159 11.49 35.44 0.12
N ASP B 160 12.06 35.69 1.29
CA ASP B 160 12.40 34.62 2.23
C ASP B 160 11.17 34.36 3.09
N LEU B 161 10.56 33.20 2.88
CA LEU B 161 9.50 32.74 3.75
C LEU B 161 10.09 31.79 4.78
N TYR B 162 9.34 31.56 5.86
CA TYR B 162 9.73 30.53 6.81
C TYR B 162 9.61 29.13 6.16
N ASP B 163 10.29 28.14 6.77
CA ASP B 163 10.25 26.79 6.21
C ASP B 163 9.00 26.01 6.63
N THR B 164 8.58 26.16 7.89
CA THR B 164 7.38 25.55 8.41
C THR B 164 6.72 26.53 9.37
N VAL B 165 5.47 26.23 9.75
CA VAL B 165 4.80 26.96 10.82
C VAL B 165 4.46 25.96 11.91
N THR B 166 4.22 26.47 13.11
CA THR B 166 4.04 25.62 14.27
C THR B 166 2.97 26.23 15.18
N ASP B 167 2.51 25.43 16.14
CA ASP B 167 1.54 25.95 17.08
C ASP B 167 2.21 26.82 18.12
N ASN B 168 3.45 26.50 18.45
CA ASN B 168 4.12 27.19 19.52
C ASN B 168 5.62 27.10 19.27
N VAL B 169 6.24 28.27 19.10
CA VAL B 169 7.59 28.32 18.59
C VAL B 169 8.63 27.79 19.58
N HIS B 170 8.32 27.75 20.87
CA HIS B 170 9.32 27.33 21.86
C HIS B 170 9.11 25.95 22.46
N HIS B 171 7.86 25.48 22.50
CA HIS B 171 7.50 24.10 22.83
C HIS B 171 6.53 23.60 21.76
N PRO B 172 7.02 23.33 20.56
CA PRO B 172 6.11 22.90 19.47
C PRO B 172 5.51 21.54 19.73
N SER B 173 4.22 21.38 19.38
CA SER B 173 3.65 20.04 19.31
C SER B 173 3.27 19.62 17.89
N LEU B 174 3.18 20.55 16.95
CA LEU B 174 2.78 20.27 15.57
C LEU B 174 3.52 21.22 14.65
N PHE B 175 3.86 20.73 13.45
CA PHE B 175 4.40 21.58 12.40
C PHE B 175 3.64 21.37 11.10
N VAL B 176 3.52 22.43 10.31
CA VAL B 176 2.90 22.37 8.99
C VAL B 176 3.94 22.68 7.92
N ALA B 177 4.11 21.75 6.97
CA ALA B 177 5.02 21.87 5.84
C ALA B 177 4.25 22.15 4.55
N PHE B 178 4.87 22.92 3.64
CA PHE B 178 4.18 23.37 2.44
C PHE B 178 4.88 23.04 1.13
N TYR B 179 6.16 22.72 1.15
CA TYR B 179 6.90 22.60 -0.11
C TYR B 179 7.16 21.15 -0.47
N ASP B 180 7.49 20.96 -1.76
CA ASP B 180 7.78 19.65 -2.30
C ASP B 180 9.08 19.09 -1.74
N TYR B 181 9.07 17.78 -1.48
CA TYR B 181 10.24 17.07 -0.99
C TYR B 181 10.72 17.63 0.35
N GLN B 182 9.82 18.18 1.14
CA GLN B 182 10.19 18.64 2.47
C GLN B 182 10.13 17.53 3.51
N ALA B 183 9.54 16.38 3.16
CA ALA B 183 9.39 15.28 4.09
C ALA B 183 9.67 13.97 3.38
N TYR B 184 10.33 13.06 4.07
CA TYR B 184 10.56 11.73 3.57
C TYR B 184 9.90 10.75 4.52
N PRO B 185 8.97 9.89 4.04
CA PRO B 185 8.25 8.93 4.90
C PRO B 185 9.05 7.65 5.15
N GLU B 186 10.05 7.78 6.04
CA GLU B 186 11.05 6.73 6.23
C GLU B 186 10.44 5.46 6.81
N TYR B 187 9.64 5.57 7.84
CA TYR B 187 9.09 4.39 8.48
C TYR B 187 7.59 4.50 8.52
N LEU B 188 6.93 3.36 8.31
CA LEU B 188 5.49 3.22 8.42
C LEU B 188 5.18 2.25 9.56
N ILE B 189 4.36 2.67 10.51
CA ILE B 189 3.94 1.85 11.64
C ILE B 189 2.49 1.41 11.41
N THR B 190 2.25 0.10 11.39
CA THR B 190 0.90 -0.46 11.32
C THR B 190 0.54 -1.05 12.68
N PHE B 191 -0.58 -0.61 13.23
CA PHE B 191 -0.95 -0.99 14.59
C PHE B 191 -2.47 -1.11 14.69
N ARG B 192 -2.95 -1.53 15.86
CA ARG B 192 -4.38 -1.56 16.13
C ARG B 192 -4.63 -1.26 17.61
N LYS B 193 -5.90 -1.07 17.95
CA LYS B 193 -6.30 -0.72 19.31
C LYS B 193 -6.22 -1.93 20.23
#